data_1R5H
#
_entry.id   1R5H
#
_cell.length_a   90.165
_cell.length_b   98.733
_cell.length_c   101.211
_cell.angle_alpha   90.00
_cell.angle_beta   90.00
_cell.angle_gamma   90.00
#
_symmetry.space_group_name_H-M   'C 2 2 21'
#
loop_
_entity.id
_entity.type
_entity.pdbx_description
1 polymer 'Methionine aminopeptidase 2'
2 non-polymer 'MANGANESE (II) ION'
3 non-polymer "N'-(2S,3R)-3-AMINO-4-CYCLOHEXYL-2-HYDROXY-BUTANO-N-(4-METHYLPHENYL)HYDRAZIDE"
4 water water
#
_entity_poly.entity_id   1
_entity_poly.type   'polypeptide(L)'
_entity_poly.pdbx_seq_one_letter_code
;KVQTDPPSVPICDLYPNGVFPKGQECEYPPTQDGRTAAWRTTSEEKKALDQASEEIWNDFREAAEAHRQVRKYVMSWIKP
GMTMIEICEKLEDCSRKLIKENGLNAGLAFPTGCSLNNCAAHYTPNAGDTTVLQYDDICKIDFGTHISGRIIDCAFTVTF
NPKYDTLLKAVKDATNTGIKCAGIDVRLCDVGEAIQEVMESYEVEIDGKTYQVKPIRNLNGHSIGQYRIHAGKTVPIIKG
GEATRMEEGEVYAIETFGSTGKGVVHDDMECSHYMKNFDVGHVPIRLPRTKHLLNVINENFGTLAFCRRWLDRLGESKYL
MALKNLCDLGIVDPYPPLCDIKGSYTAQFEHTILLRPTCKEVVSRGDDY
;
_entity_poly.pdbx_strand_id   A
#
loop_
_chem_comp.id
_chem_comp.type
_chem_comp.name
_chem_comp.formula
AO2 non-polymer N'-(2S,3R)-3-AMINO-4-CYCLOHEXYL-2-HYDROXY-BUTANO-N-(4-METHYLPHENYL)HYDRAZIDE 'C17 H27 N3 O2'
MN non-polymer 'MANGANESE (II) ION' 'Mn 2'
#
# COMPACT_ATOMS: atom_id res chain seq x y z
N LYS A 1 19.48 -14.35 -12.99
CA LYS A 1 19.86 -13.63 -14.25
C LYS A 1 20.16 -12.17 -13.95
N VAL A 2 20.13 -11.32 -14.98
CA VAL A 2 20.41 -9.91 -14.80
C VAL A 2 19.34 -9.01 -15.41
N GLN A 3 18.99 -7.94 -14.69
CA GLN A 3 17.98 -7.00 -15.15
C GLN A 3 18.52 -5.99 -16.15
N THR A 4 17.75 -5.75 -17.20
CA THR A 4 18.12 -4.78 -18.22
C THR A 4 17.88 -3.41 -17.62
N ASP A 5 18.65 -2.41 -18.04
CA ASP A 5 18.48 -1.06 -17.49
C ASP A 5 16.99 -0.80 -17.34
N PRO A 6 16.29 -0.49 -18.44
CA PRO A 6 14.86 -0.27 -18.19
C PRO A 6 14.34 -1.65 -17.81
N PRO A 7 13.96 -1.85 -16.54
CA PRO A 7 13.46 -3.15 -16.10
C PRO A 7 12.46 -3.76 -17.08
N SER A 8 12.70 -5.01 -17.47
CA SER A 8 11.83 -5.71 -18.40
C SER A 8 11.81 -7.21 -18.10
N VAL A 9 12.86 -7.68 -17.43
CA VAL A 9 12.97 -9.09 -17.09
C VAL A 9 12.13 -9.46 -15.87
N PRO A 10 11.11 -10.30 -16.08
CA PRO A 10 10.27 -10.72 -14.95
C PRO A 10 11.10 -11.29 -13.80
N ILE A 11 10.69 -10.99 -12.58
CA ILE A 11 11.38 -11.43 -11.38
C ILE A 11 11.62 -12.94 -11.29
N CYS A 12 10.62 -13.75 -11.64
CA CYS A 12 10.79 -15.19 -11.54
C CYS A 12 11.87 -15.74 -12.48
N ASP A 13 12.24 -14.95 -13.49
CA ASP A 13 13.27 -15.34 -14.45
C ASP A 13 14.65 -14.98 -13.92
N LEU A 14 14.70 -14.12 -12.90
CA LEU A 14 15.95 -13.71 -12.29
C LEU A 14 16.30 -14.63 -11.12
N TYR A 15 15.37 -15.52 -10.80
CA TYR A 15 15.54 -16.49 -9.73
C TYR A 15 14.88 -17.78 -10.19
N PRO A 16 15.55 -18.50 -11.11
CA PRO A 16 15.05 -19.77 -11.66
C PRO A 16 14.75 -20.81 -10.59
N ASN A 17 15.53 -20.79 -9.52
CA ASN A 17 15.35 -21.72 -8.42
C ASN A 17 13.93 -21.68 -7.86
N GLY A 18 13.29 -20.52 -7.94
CA GLY A 18 11.93 -20.40 -7.42
C GLY A 18 11.93 -19.86 -6.00
N VAL A 19 13.13 -19.57 -5.49
CA VAL A 19 13.32 -19.04 -4.14
C VAL A 19 13.63 -17.56 -4.25
N PHE A 20 12.80 -16.71 -3.67
CA PHE A 20 13.04 -15.28 -3.74
C PHE A 20 13.62 -14.67 -2.47
N PRO A 21 14.43 -13.60 -2.62
CA PRO A 21 15.07 -12.90 -1.51
C PRO A 21 14.17 -12.49 -0.38
N LYS A 22 14.61 -12.78 0.84
CA LYS A 22 13.85 -12.43 2.03
C LYS A 22 13.99 -10.94 2.32
N GLY A 23 13.00 -10.40 3.04
CA GLY A 23 13.06 -9.00 3.40
C GLY A 23 13.86 -8.90 4.68
N GLN A 24 13.76 -7.78 5.39
CA GLN A 24 14.49 -7.61 6.62
C GLN A 24 13.83 -8.45 7.73
N GLU A 25 14.63 -9.31 8.36
CA GLU A 25 14.12 -10.16 9.43
C GLU A 25 14.54 -9.57 10.78
N CYS A 26 13.58 -9.44 11.69
CA CYS A 26 13.84 -8.87 13.01
C CYS A 26 13.34 -9.78 14.13
N GLU A 27 13.91 -9.61 15.32
CA GLU A 27 13.48 -10.37 16.49
C GLU A 27 12.25 -9.63 16.96
N TYR A 28 11.24 -10.35 17.41
CA TYR A 28 10.04 -9.69 17.89
C TYR A 28 10.39 -8.79 19.08
N PRO A 29 9.70 -7.65 19.22
CA PRO A 29 10.00 -6.76 20.34
C PRO A 29 9.79 -7.43 21.69
N PRO A 30 10.67 -7.14 22.66
CA PRO A 30 10.54 -7.74 23.97
C PRO A 30 9.24 -7.28 24.64
N THR A 31 8.68 -8.13 25.50
CA THR A 31 7.45 -7.79 26.19
C THR A 31 7.71 -6.69 27.22
N GLN A 32 6.63 -6.07 27.71
CA GLN A 32 6.72 -5.01 28.69
C GLN A 32 7.56 -5.45 29.89
N ASP A 33 7.44 -6.73 30.26
CA ASP A 33 8.17 -7.28 31.39
C ASP A 33 9.67 -7.16 31.18
N GLY A 34 10.11 -7.50 29.97
CA GLY A 34 11.52 -7.45 29.63
C GLY A 34 11.86 -8.79 29.00
N ARG A 35 10.81 -9.54 28.69
CA ARG A 35 10.92 -10.85 28.09
C ARG A 35 11.28 -10.75 26.61
N THR A 36 12.42 -11.35 26.23
CA THR A 36 12.86 -11.31 24.84
C THR A 36 12.17 -12.42 24.05
N ALA A 37 12.17 -12.29 22.72
CA ALA A 37 11.53 -13.28 21.86
C ALA A 37 12.51 -13.96 20.91
N ALA A 38 13.80 -13.84 21.21
CA ALA A 38 14.83 -14.45 20.37
C ALA A 38 14.66 -15.97 20.33
N TRP A 39 13.80 -16.49 21.22
CA TRP A 39 13.55 -17.92 21.31
C TRP A 39 12.68 -18.41 20.14
N ARG A 40 11.94 -17.49 19.54
CA ARG A 40 11.08 -17.84 18.41
C ARG A 40 11.93 -18.25 17.21
N THR A 41 12.95 -17.45 16.91
CA THR A 41 13.84 -17.75 15.79
C THR A 41 14.75 -18.90 16.15
N THR A 42 14.30 -19.72 17.09
CA THR A 42 15.08 -20.86 17.54
C THR A 42 14.24 -22.10 17.79
N SER A 43 13.13 -21.93 18.51
CA SER A 43 12.22 -23.02 18.83
C SER A 43 11.92 -23.90 17.62
N GLU A 44 12.20 -25.20 17.77
CA GLU A 44 11.97 -26.18 16.71
C GLU A 44 10.50 -26.22 16.31
N GLU A 45 9.62 -26.02 17.28
CA GLU A 45 8.17 -26.04 17.06
C GLU A 45 7.72 -24.90 16.14
N LYS A 46 8.35 -23.74 16.30
CA LYS A 46 8.01 -22.57 15.49
C LYS A 46 8.65 -22.71 14.12
N LYS A 47 9.87 -23.23 14.09
CA LYS A 47 10.62 -23.42 12.85
C LYS A 47 9.87 -24.27 11.83
N ALA A 48 9.32 -25.39 12.29
CA ALA A 48 8.56 -26.27 11.40
C ALA A 48 7.32 -25.53 10.93
N LEU A 49 6.64 -24.87 11.87
CA LEU A 49 5.44 -24.11 11.58
C LEU A 49 5.70 -23.06 10.50
N ASP A 50 6.80 -22.33 10.64
CA ASP A 50 7.17 -21.29 9.67
C ASP A 50 7.49 -21.93 8.32
N GLN A 51 8.30 -22.98 8.35
CA GLN A 51 8.70 -23.67 7.14
C GLN A 51 7.48 -24.26 6.42
N ALA A 52 6.44 -24.56 7.19
CA ALA A 52 5.22 -25.12 6.60
C ALA A 52 4.51 -24.13 5.68
N SER A 53 4.72 -22.83 5.90
CA SER A 53 4.09 -21.80 5.07
C SER A 53 5.11 -21.11 4.15
N GLU A 54 6.24 -21.76 3.93
CA GLU A 54 7.31 -21.22 3.10
C GLU A 54 6.84 -20.74 1.71
N GLU A 55 6.00 -21.53 1.06
CA GLU A 55 5.51 -21.19 -0.27
C GLU A 55 4.79 -19.83 -0.25
N ILE A 56 4.10 -19.57 0.85
CA ILE A 56 3.36 -18.33 1.01
C ILE A 56 4.32 -17.16 1.16
N TRP A 57 5.26 -17.29 2.09
CA TRP A 57 6.27 -16.26 2.33
C TRP A 57 6.98 -15.96 1.02
N ASN A 58 7.31 -17.03 0.30
CA ASN A 58 8.01 -16.92 -0.96
C ASN A 58 7.25 -16.08 -1.98
N ASP A 59 5.93 -16.28 -2.05
CA ASP A 59 5.11 -15.51 -2.98
C ASP A 59 5.12 -14.04 -2.61
N PHE A 60 5.06 -13.73 -1.31
CA PHE A 60 5.11 -12.33 -0.89
C PHE A 60 6.43 -11.72 -1.35
N ARG A 61 7.51 -12.48 -1.20
CA ARG A 61 8.84 -12.01 -1.57
C ARG A 61 8.96 -11.74 -3.05
N GLU A 62 8.40 -12.60 -3.88
CA GLU A 62 8.47 -12.40 -5.33
C GLU A 62 7.82 -11.07 -5.67
N ALA A 63 6.70 -10.79 -5.02
CA ALA A 63 5.98 -9.53 -5.26
C ALA A 63 6.75 -8.34 -4.72
N ALA A 64 7.39 -8.53 -3.57
CA ALA A 64 8.17 -7.45 -2.94
C ALA A 64 9.37 -7.08 -3.80
N GLU A 65 10.04 -8.08 -4.37
CA GLU A 65 11.20 -7.80 -5.20
C GLU A 65 10.74 -6.99 -6.41
N ALA A 66 9.59 -7.35 -6.97
CA ALA A 66 9.05 -6.63 -8.11
C ALA A 66 8.81 -5.19 -7.67
N HIS A 67 8.22 -5.01 -6.49
CA HIS A 67 7.93 -3.69 -5.96
C HIS A 67 9.20 -2.85 -5.77
N ARG A 68 10.27 -3.48 -5.29
CA ARG A 68 11.53 -2.80 -5.07
C ARG A 68 12.16 -2.31 -6.37
N GLN A 69 12.15 -3.15 -7.40
CA GLN A 69 12.74 -2.79 -8.68
C GLN A 69 11.89 -1.80 -9.47
N VAL A 70 10.58 -1.88 -9.33
CA VAL A 70 9.72 -0.95 -10.04
C VAL A 70 9.88 0.44 -9.45
N ARG A 71 9.85 0.55 -8.12
CA ARG A 71 9.97 1.85 -7.48
C ARG A 71 11.33 2.49 -7.69
N LYS A 72 12.40 1.70 -7.74
CA LYS A 72 13.73 2.24 -7.96
C LYS A 72 13.76 2.89 -9.34
N TYR A 73 13.20 2.20 -10.31
CA TYR A 73 13.11 2.65 -11.67
C TYR A 73 12.31 3.96 -11.73
N VAL A 74 11.17 3.99 -11.05
CA VAL A 74 10.31 5.17 -11.01
C VAL A 74 11.03 6.38 -10.43
N MET A 75 11.70 6.19 -9.31
CA MET A 75 12.44 7.26 -8.64
C MET A 75 13.50 7.87 -9.56
N SER A 76 13.91 7.12 -10.59
CA SER A 76 14.93 7.63 -11.51
C SER A 76 14.36 8.57 -12.57
N TRP A 77 13.09 8.40 -12.93
CA TRP A 77 12.52 9.25 -13.96
C TRP A 77 11.35 10.16 -13.57
N ILE A 78 10.71 9.91 -12.44
CA ILE A 78 9.58 10.77 -12.06
C ILE A 78 10.06 12.21 -11.92
N LYS A 79 9.43 13.11 -12.68
CA LYS A 79 9.82 14.52 -12.66
C LYS A 79 8.68 15.48 -12.97
N PRO A 80 8.81 16.73 -12.49
CA PRO A 80 7.78 17.73 -12.75
C PRO A 80 7.69 17.86 -14.27
N GLY A 81 6.51 18.24 -14.78
CA GLY A 81 6.35 18.36 -16.21
C GLY A 81 5.55 17.19 -16.79
N MET A 82 5.71 16.02 -16.19
CA MET A 82 4.99 14.84 -16.65
C MET A 82 3.55 14.92 -16.13
N THR A 83 2.62 14.29 -16.84
CA THR A 83 1.24 14.29 -16.40
C THR A 83 1.14 13.12 -15.44
N MET A 84 0.10 13.13 -14.60
CA MET A 84 -0.08 12.03 -13.66
C MET A 84 -0.35 10.75 -14.42
N ILE A 85 -1.00 10.88 -15.57
CA ILE A 85 -1.29 9.71 -16.39
C ILE A 85 0.00 9.13 -16.95
N GLU A 86 0.89 9.97 -17.45
CA GLU A 86 2.15 9.47 -18.00
C GLU A 86 2.94 8.73 -16.93
N ILE A 87 2.88 9.26 -15.70
CA ILE A 87 3.56 8.65 -14.58
C ILE A 87 2.99 7.28 -14.23
N CYS A 88 1.67 7.21 -14.10
CA CYS A 88 1.02 5.96 -13.74
C CYS A 88 1.12 4.88 -14.81
N GLU A 89 1.10 5.29 -16.09
CA GLU A 89 1.18 4.33 -17.19
C GLU A 89 2.58 3.73 -17.29
N LYS A 90 3.59 4.57 -17.14
CA LYS A 90 4.97 4.13 -17.22
C LYS A 90 5.31 3.19 -16.05
N LEU A 91 4.78 3.50 -14.87
CA LEU A 91 5.03 2.68 -13.69
C LEU A 91 4.33 1.33 -13.84
N GLU A 92 3.05 1.37 -14.18
CA GLU A 92 2.27 0.16 -14.33
C GLU A 92 2.74 -0.76 -15.45
N ASP A 93 3.27 -0.20 -16.54
CA ASP A 93 3.77 -1.03 -17.64
C ASP A 93 4.98 -1.85 -17.17
N CYS A 94 5.82 -1.23 -16.36
CA CYS A 94 7.00 -1.90 -15.84
C CYS A 94 6.59 -2.94 -14.80
N SER A 95 5.62 -2.57 -13.96
CA SER A 95 5.13 -3.46 -12.92
C SER A 95 4.53 -4.71 -13.53
N ARG A 96 3.71 -4.54 -14.57
CA ARG A 96 3.08 -5.67 -15.23
C ARG A 96 4.12 -6.64 -15.77
N LYS A 97 5.24 -6.11 -16.26
CA LYS A 97 6.29 -6.94 -16.81
C LYS A 97 7.09 -7.70 -15.75
N LEU A 98 7.50 -7.00 -14.69
CA LEU A 98 8.30 -7.64 -13.64
C LEU A 98 7.55 -8.64 -12.78
N ILE A 99 6.24 -8.44 -12.61
CA ILE A 99 5.44 -9.35 -11.81
C ILE A 99 4.97 -10.47 -12.73
N LYS A 100 5.16 -10.26 -14.03
CA LYS A 100 4.78 -11.21 -15.07
C LYS A 100 3.28 -11.46 -14.96
N GLU A 101 2.51 -10.38 -15.08
CA GLU A 101 1.06 -10.42 -15.01
C GLU A 101 0.43 -11.65 -15.65
N ASN A 102 -0.38 -12.36 -14.86
CA ASN A 102 -1.04 -13.56 -15.36
C ASN A 102 -2.43 -13.71 -14.73
N GLY A 103 -3.39 -12.95 -15.26
CA GLY A 103 -4.74 -13.01 -14.75
C GLY A 103 -4.76 -12.73 -13.26
N LEU A 104 -5.53 -13.51 -12.52
CA LEU A 104 -5.61 -13.35 -11.07
C LEU A 104 -4.48 -14.05 -10.34
N ASN A 105 -3.64 -14.77 -11.07
CA ASN A 105 -2.54 -15.51 -10.46
C ASN A 105 -1.30 -14.65 -10.21
N ALA A 106 -1.19 -13.55 -10.93
CA ALA A 106 -0.06 -12.63 -10.77
C ALA A 106 -0.35 -11.30 -11.46
N GLY A 107 -0.17 -10.20 -10.74
CA GLY A 107 -0.43 -8.89 -11.34
C GLY A 107 -0.33 -7.73 -10.38
N LEU A 108 -1.09 -6.67 -10.68
CA LEU A 108 -1.11 -5.47 -9.86
C LEU A 108 -2.18 -5.62 -8.77
N ALA A 109 -1.79 -5.45 -7.51
CA ALA A 109 -2.70 -5.60 -6.39
C ALA A 109 -3.78 -4.52 -6.37
N PHE A 110 -3.38 -3.30 -6.72
CA PHE A 110 -4.30 -2.16 -6.77
C PHE A 110 -3.72 -1.07 -7.67
N PRO A 111 -4.55 -0.07 -8.02
CA PRO A 111 -4.05 1.00 -8.89
C PRO A 111 -2.94 1.85 -8.27
N THR A 112 -2.26 2.58 -9.13
CA THR A 112 -1.17 3.44 -8.70
C THR A 112 -1.65 4.74 -8.10
N GLY A 113 -1.62 4.81 -6.77
CA GLY A 113 -2.02 6.04 -6.11
C GLY A 113 -0.86 7.03 -6.27
N CYS A 114 -1.18 8.29 -6.58
CA CYS A 114 -0.17 9.31 -6.73
C CYS A 114 -0.75 10.61 -6.20
N SER A 115 -1.43 10.49 -5.07
CA SER A 115 -2.09 11.62 -4.41
C SER A 115 -1.16 12.80 -4.20
N LEU A 116 -1.67 13.98 -4.53
CA LEU A 116 -0.92 15.22 -4.45
C LEU A 116 -1.29 16.17 -3.30
N ASN A 117 -0.25 16.78 -2.73
CA ASN A 117 -0.38 17.76 -1.67
C ASN A 117 -1.35 17.47 -0.51
N ASN A 118 -2.42 18.25 -0.39
CA ASN A 118 -3.36 18.03 0.72
C ASN A 118 -4.08 16.69 0.61
N CYS A 119 -4.08 16.09 -0.57
CA CYS A 119 -4.71 14.78 -0.73
C CYS A 119 -3.66 13.76 -0.36
N ALA A 120 -4.03 12.84 0.53
CA ALA A 120 -3.11 11.85 1.04
C ALA A 120 -3.22 10.46 0.47
N ALA A 121 -4.36 10.14 -0.15
CA ALA A 121 -4.51 8.80 -0.69
C ALA A 121 -5.69 8.63 -1.60
N HIS A 122 -5.70 7.49 -2.27
CA HIS A 122 -6.75 7.07 -3.18
C HIS A 122 -6.99 7.90 -4.42
N TYR A 123 -5.97 8.61 -4.86
CA TYR A 123 -6.10 9.36 -6.08
C TYR A 123 -5.19 8.83 -7.17
N THR A 124 -5.80 8.52 -8.30
CA THR A 124 -5.10 8.08 -9.49
C THR A 124 -5.95 8.71 -10.58
N PRO A 125 -5.31 9.28 -11.60
CA PRO A 125 -6.07 9.93 -12.67
C PRO A 125 -7.01 9.02 -13.48
N ASN A 126 -8.09 9.61 -13.95
CA ASN A 126 -9.04 8.90 -14.81
C ASN A 126 -8.72 9.46 -16.19
N ALA A 127 -9.38 8.92 -17.22
CA ALA A 127 -9.15 9.39 -18.58
C ALA A 127 -9.49 10.86 -18.70
N GLY A 128 -8.65 11.60 -19.42
CA GLY A 128 -8.89 13.02 -19.61
C GLY A 128 -8.25 13.93 -18.59
N ASP A 129 -7.78 13.37 -17.48
CA ASP A 129 -7.14 14.17 -16.43
C ASP A 129 -5.86 14.79 -16.98
N THR A 130 -5.82 16.12 -17.06
CA THR A 130 -4.65 16.83 -17.59
C THR A 130 -3.68 17.30 -16.52
N THR A 131 -3.92 16.89 -15.27
CA THR A 131 -3.06 17.30 -14.17
C THR A 131 -1.58 17.01 -14.40
N VAL A 132 -0.74 18.01 -14.15
CA VAL A 132 0.71 17.89 -14.33
C VAL A 132 1.46 18.01 -13.01
N LEU A 133 2.43 17.12 -12.81
CA LEU A 133 3.25 17.12 -11.60
C LEU A 133 4.10 18.39 -11.55
N GLN A 134 4.05 19.09 -10.42
CA GLN A 134 4.78 20.35 -10.25
C GLN A 134 5.99 20.27 -9.32
N TYR A 135 6.91 21.23 -9.47
CA TYR A 135 8.12 21.23 -8.64
C TYR A 135 7.85 21.25 -7.14
N ASP A 136 6.84 22.01 -6.71
CA ASP A 136 6.49 22.11 -5.30
C ASP A 136 5.50 21.05 -4.81
N ASP A 137 5.12 20.16 -5.70
CA ASP A 137 4.17 19.11 -5.35
C ASP A 137 4.77 18.05 -4.43
N ILE A 138 3.92 17.48 -3.58
CA ILE A 138 4.32 16.39 -2.71
C ILE A 138 3.39 15.25 -3.11
N CYS A 139 3.96 14.30 -3.84
CA CYS A 139 3.25 13.16 -4.41
C CYS A 139 3.46 11.82 -3.68
N LYS A 140 2.36 11.20 -3.27
CA LYS A 140 2.43 9.90 -2.58
C LYS A 140 2.27 8.74 -3.58
N ILE A 141 3.38 8.09 -3.90
CA ILE A 141 3.36 6.96 -4.81
C ILE A 141 3.05 5.70 -4.02
N ASP A 142 1.83 5.19 -4.19
CA ASP A 142 1.40 4.01 -3.47
C ASP A 142 0.86 2.96 -4.44
N PHE A 143 1.68 1.97 -4.75
CA PHE A 143 1.28 0.92 -5.68
C PHE A 143 1.60 -0.46 -5.10
N GLY A 144 0.92 -1.48 -5.60
CA GLY A 144 1.15 -2.82 -5.10
C GLY A 144 1.22 -3.90 -6.15
N THR A 145 1.80 -5.03 -5.74
CA THR A 145 1.95 -6.19 -6.60
C THR A 145 1.50 -7.40 -5.79
N HIS A 146 1.27 -8.51 -6.46
CA HIS A 146 0.85 -9.72 -5.75
C HIS A 146 1.12 -10.93 -6.61
N ILE A 147 1.26 -12.06 -5.95
CA ILE A 147 1.45 -13.34 -6.59
C ILE A 147 0.47 -14.22 -5.82
N SER A 148 -0.46 -14.85 -6.55
CA SER A 148 -1.45 -15.72 -5.94
C SER A 148 -2.23 -15.05 -4.81
N GLY A 149 -2.48 -13.74 -4.94
CA GLY A 149 -3.23 -13.06 -3.91
C GLY A 149 -2.42 -12.59 -2.71
N ARG A 150 -1.13 -12.90 -2.68
CA ARG A 150 -0.28 -12.45 -1.58
C ARG A 150 0.11 -11.04 -1.95
N ILE A 151 -0.51 -10.09 -1.28
CA ILE A 151 -0.31 -8.68 -1.58
C ILE A 151 0.79 -7.92 -0.87
N ILE A 152 1.52 -7.13 -1.66
CA ILE A 152 2.57 -6.25 -1.15
C ILE A 152 1.99 -4.84 -1.27
N ASP A 153 1.70 -4.23 -0.12
CA ASP A 153 1.15 -2.87 -0.08
C ASP A 153 2.30 -2.04 0.48
N CYS A 154 2.99 -1.31 -0.39
CA CYS A 154 4.14 -0.53 0.01
C CYS A 154 4.10 0.85 -0.68
N ALA A 155 4.49 1.90 0.05
CA ALA A 155 4.43 3.24 -0.49
C ALA A 155 5.48 4.22 0.04
N PHE A 156 5.75 5.25 -0.76
CA PHE A 156 6.73 6.28 -0.39
C PHE A 156 6.30 7.65 -0.91
N THR A 157 6.99 8.71 -0.49
CA THR A 157 6.63 10.05 -0.91
C THR A 157 7.67 10.67 -1.83
N VAL A 158 7.19 11.41 -2.82
CA VAL A 158 8.06 12.05 -3.81
C VAL A 158 7.97 13.57 -3.73
N THR A 159 9.13 14.21 -3.69
CA THR A 159 9.20 15.67 -3.64
C THR A 159 10.44 16.08 -4.41
N PHE A 160 10.52 17.36 -4.75
CA PHE A 160 11.66 17.90 -5.48
C PHE A 160 12.21 19.13 -4.76
N ASN A 161 11.36 19.72 -3.91
CA ASN A 161 11.73 20.90 -3.12
C ASN A 161 12.15 20.41 -1.74
N PRO A 162 13.39 20.74 -1.32
CA PRO A 162 13.96 20.34 -0.02
C PRO A 162 13.17 20.80 1.21
N LYS A 163 12.30 21.79 1.03
CA LYS A 163 11.53 22.32 2.14
C LYS A 163 10.63 21.29 2.83
N TYR A 164 10.37 20.18 2.16
CA TYR A 164 9.51 19.12 2.72
C TYR A 164 10.33 18.02 3.39
N ASP A 165 11.65 18.07 3.27
CA ASP A 165 12.49 17.02 3.84
C ASP A 165 12.17 16.55 5.25
N THR A 166 12.09 17.47 6.21
CA THR A 166 11.82 17.04 7.58
C THR A 166 10.43 16.45 7.71
N LEU A 167 9.49 16.91 6.89
CA LEU A 167 8.12 16.38 6.94
C LEU A 167 8.14 14.92 6.49
N LEU A 168 8.89 14.63 5.43
CA LEU A 168 9.01 13.27 4.91
C LEU A 168 9.72 12.41 5.96
N LYS A 169 10.77 12.98 6.55
CA LYS A 169 11.56 12.30 7.56
C LYS A 169 10.71 11.89 8.75
N ALA A 170 9.84 12.79 9.18
CA ALA A 170 8.95 12.55 10.30
C ALA A 170 8.06 11.34 10.05
N VAL A 171 7.38 11.35 8.90
CA VAL A 171 6.47 10.25 8.58
C VAL A 171 7.22 8.94 8.35
N LYS A 172 8.42 9.03 7.79
CA LYS A 172 9.23 7.84 7.57
C LYS A 172 9.61 7.24 8.93
N ASP A 173 10.03 8.11 9.84
CA ASP A 173 10.42 7.68 11.18
C ASP A 173 9.22 7.07 11.91
N ALA A 174 8.05 7.67 11.72
CA ALA A 174 6.82 7.19 12.35
C ALA A 174 6.46 5.80 11.81
N THR A 175 6.61 5.62 10.50
CA THR A 175 6.28 4.32 9.91
C THR A 175 7.27 3.28 10.41
N ASN A 176 8.54 3.65 10.52
CA ASN A 176 9.54 2.71 11.01
C ASN A 176 9.34 2.38 12.48
N THR A 177 8.79 3.33 13.25
CA THR A 177 8.54 3.10 14.67
C THR A 177 7.40 2.10 14.78
N GLY A 178 6.41 2.24 13.90
CA GLY A 178 5.27 1.33 13.91
C GLY A 178 5.73 -0.07 13.55
N ILE A 179 6.69 -0.16 12.64
CA ILE A 179 7.23 -1.43 12.20
C ILE A 179 7.99 -2.12 13.34
N LYS A 180 8.70 -1.32 14.14
CA LYS A 180 9.45 -1.89 15.24
C LYS A 180 8.59 -2.33 16.41
N CYS A 181 7.54 -1.56 16.69
CA CYS A 181 6.65 -1.88 17.80
C CYS A 181 5.78 -3.10 17.50
N ALA A 182 5.45 -3.31 16.22
CA ALA A 182 4.61 -4.43 15.82
C ALA A 182 5.20 -5.80 16.20
N GLY A 183 4.32 -6.73 16.54
CA GLY A 183 4.77 -8.06 16.91
C GLY A 183 3.65 -8.96 17.37
N ILE A 184 3.93 -10.24 17.52
CA ILE A 184 2.92 -11.17 17.96
C ILE A 184 2.51 -10.79 19.39
N ASP A 185 1.20 -10.67 19.61
CA ASP A 185 0.66 -10.30 20.91
C ASP A 185 0.72 -8.81 21.23
N VAL A 186 1.32 -8.01 20.35
CA VAL A 186 1.38 -6.58 20.61
C VAL A 186 -0.01 -6.00 20.35
N ARG A 187 -0.44 -5.10 21.22
CA ARG A 187 -1.74 -4.49 21.07
C ARG A 187 -1.72 -3.40 20.01
N LEU A 188 -2.75 -3.38 19.17
CA LEU A 188 -2.83 -2.40 18.09
C LEU A 188 -2.82 -0.97 18.59
N CYS A 189 -3.53 -0.70 19.67
CA CYS A 189 -3.59 0.65 20.21
C CYS A 189 -2.21 1.14 20.65
N ASP A 190 -1.33 0.22 21.05
CA ASP A 190 0.02 0.59 21.48
C ASP A 190 0.85 1.02 20.27
N VAL A 191 0.63 0.34 19.15
CA VAL A 191 1.35 0.65 17.93
C VAL A 191 0.97 2.07 17.52
N GLY A 192 -0.33 2.35 17.51
CA GLY A 192 -0.79 3.67 17.14
C GLY A 192 -0.28 4.76 18.08
N GLU A 193 -0.22 4.46 19.37
CA GLU A 193 0.26 5.43 20.33
C GLU A 193 1.73 5.75 20.06
N ALA A 194 2.53 4.70 19.90
CA ALA A 194 3.95 4.86 19.65
C ALA A 194 4.21 5.67 18.37
N ILE A 195 3.44 5.38 17.33
CA ILE A 195 3.60 6.06 16.05
C ILE A 195 3.37 7.57 16.18
N GLN A 196 2.32 7.94 16.91
CA GLN A 196 1.96 9.33 17.13
C GLN A 196 3.03 10.06 17.94
N GLU A 197 3.64 9.37 18.89
CA GLU A 197 4.67 9.98 19.72
C GLU A 197 5.83 10.46 18.86
N VAL A 198 6.29 9.60 17.97
CA VAL A 198 7.39 9.92 17.09
C VAL A 198 7.00 11.02 16.11
N MET A 199 5.85 10.85 15.49
CA MET A 199 5.32 11.81 14.53
C MET A 199 5.24 13.22 15.09
N GLU A 200 4.67 13.35 16.28
CA GLU A 200 4.53 14.66 16.90
C GLU A 200 5.83 15.17 17.52
N SER A 201 6.87 14.36 17.52
CA SER A 201 8.15 14.81 18.06
C SER A 201 8.83 15.71 17.02
N TYR A 202 8.28 15.71 15.81
CA TYR A 202 8.83 16.51 14.71
C TYR A 202 8.14 17.85 14.49
N GLU A 203 8.93 18.88 14.23
CA GLU A 203 8.39 20.19 13.93
C GLU A 203 9.05 20.58 12.61
N VAL A 204 8.31 21.26 11.75
CA VAL A 204 8.87 21.65 10.46
C VAL A 204 8.51 23.08 10.10
N GLU A 205 9.26 23.62 9.15
CA GLU A 205 9.00 24.97 8.67
C GLU A 205 8.91 24.93 7.15
N ILE A 206 7.81 25.46 6.62
CA ILE A 206 7.58 25.49 5.19
C ILE A 206 7.06 26.87 4.78
N ASP A 207 7.80 27.55 3.93
CA ASP A 207 7.44 28.88 3.44
C ASP A 207 7.09 29.83 4.60
N GLY A 208 7.99 29.93 5.58
CA GLY A 208 7.77 30.82 6.70
C GLY A 208 6.85 30.38 7.83
N LYS A 209 6.18 29.24 7.69
CA LYS A 209 5.29 28.77 8.74
C LYS A 209 5.81 27.49 9.36
N THR A 210 5.65 27.36 10.67
CA THR A 210 6.13 26.18 11.38
C THR A 210 4.93 25.32 11.71
N TYR A 211 5.14 24.00 11.80
CA TYR A 211 4.06 23.10 12.13
C TYR A 211 4.58 21.91 12.89
N GLN A 212 3.74 21.39 13.79
CA GLN A 212 4.10 20.18 14.50
C GLN A 212 3.39 19.14 13.67
N VAL A 213 4.13 18.29 12.98
CA VAL A 213 3.52 17.25 12.14
C VAL A 213 2.42 16.49 12.87
N LYS A 214 1.26 16.39 12.23
CA LYS A 214 0.12 15.68 12.81
C LYS A 214 -0.20 14.41 12.05
N PRO A 215 -0.36 13.29 12.77
CA PRO A 215 -0.68 12.07 12.03
C PRO A 215 -2.15 12.22 11.64
N ILE A 216 -2.55 11.67 10.50
CA ILE A 216 -3.93 11.78 10.07
C ILE A 216 -4.72 10.72 10.85
N ARG A 217 -5.51 11.18 11.82
CA ARG A 217 -6.24 10.27 12.69
C ARG A 217 -7.27 9.33 12.08
N ASN A 218 -7.93 9.73 11.00
CA ASN A 218 -8.92 8.84 10.39
C ASN A 218 -8.35 7.99 9.25
N LEU A 219 -7.03 7.86 9.21
CA LEU A 219 -6.37 7.03 8.22
C LEU A 219 -5.59 6.02 9.05
N ASN A 220 -5.22 4.88 8.49
CA ASN A 220 -4.53 3.88 9.30
C ASN A 220 -3.96 2.68 8.56
N GLY A 221 -3.27 1.84 9.31
CA GLY A 221 -2.68 0.63 8.75
C GLY A 221 -3.74 -0.46 8.72
N HIS A 222 -3.35 -1.70 8.41
CA HIS A 222 -4.34 -2.76 8.33
C HIS A 222 -3.73 -4.13 8.06
N SER A 223 -4.45 -5.16 8.47
CA SER A 223 -4.00 -6.53 8.25
C SER A 223 -4.31 -6.85 6.80
N ILE A 224 -3.57 -7.80 6.25
CA ILE A 224 -3.75 -8.20 4.86
C ILE A 224 -4.15 -9.67 4.74
N GLY A 225 -5.05 -9.95 3.82
CA GLY A 225 -5.49 -11.32 3.59
C GLY A 225 -5.34 -11.67 2.13
N GLN A 226 -5.43 -12.95 1.79
CA GLN A 226 -5.30 -13.36 0.40
C GLN A 226 -6.37 -12.69 -0.45
N TYR A 227 -5.95 -11.90 -1.43
CA TYR A 227 -6.85 -11.18 -2.31
C TYR A 227 -7.70 -10.18 -1.54
N ARG A 228 -7.33 -9.92 -0.29
CA ARG A 228 -8.09 -8.99 0.55
C ARG A 228 -7.15 -7.97 1.18
N ILE A 229 -6.95 -6.86 0.49
CA ILE A 229 -6.06 -5.81 0.95
C ILE A 229 -6.39 -5.33 2.37
N HIS A 230 -7.67 -5.43 2.75
CA HIS A 230 -8.13 -5.02 4.08
C HIS A 230 -8.83 -6.21 4.72
N ALA A 231 -8.05 -7.06 5.41
CA ALA A 231 -8.58 -8.26 6.04
C ALA A 231 -9.62 -8.01 7.13
N GLY A 232 -9.39 -7.01 7.99
CA GLY A 232 -10.36 -6.74 9.04
C GLY A 232 -9.83 -5.97 10.23
N LYS A 233 -8.56 -6.16 10.58
CA LYS A 233 -7.98 -5.44 11.70
C LYS A 233 -7.37 -4.12 11.22
N THR A 234 -7.36 -3.11 12.09
CA THR A 234 -6.80 -1.83 11.70
C THR A 234 -5.65 -1.42 12.61
N VAL A 235 -4.65 -0.77 12.03
CA VAL A 235 -3.51 -0.31 12.79
C VAL A 235 -3.56 1.21 12.89
N PRO A 236 -4.04 1.72 14.03
CA PRO A 236 -4.14 3.17 14.21
C PRO A 236 -2.78 3.86 14.20
N ILE A 237 -2.78 5.17 13.99
CA ILE A 237 -1.54 5.93 13.99
C ILE A 237 -1.62 7.04 15.01
N ILE A 238 -2.66 6.95 15.85
CA ILE A 238 -2.90 7.88 16.93
C ILE A 238 -3.35 7.00 18.08
N LYS A 239 -3.22 7.49 19.31
CA LYS A 239 -3.63 6.73 20.48
C LYS A 239 -5.15 6.63 20.59
N GLY A 240 -5.61 5.82 21.55
CA GLY A 240 -7.04 5.67 21.77
C GLY A 240 -7.74 4.62 20.94
N GLY A 241 -6.97 3.73 20.31
CA GLY A 241 -7.55 2.69 19.49
C GLY A 241 -7.91 1.40 20.21
N GLU A 242 -8.09 0.34 19.43
CA GLU A 242 -8.44 -0.98 19.95
C GLU A 242 -7.30 -1.67 20.68
N ALA A 243 -7.63 -2.41 21.74
CA ALA A 243 -6.62 -3.14 22.48
C ALA A 243 -6.47 -4.52 21.86
N THR A 244 -7.14 -4.72 20.74
CA THR A 244 -7.06 -5.99 20.01
C THR A 244 -5.58 -6.26 19.73
N ARG A 245 -5.19 -7.53 19.71
CA ARG A 245 -3.80 -7.90 19.48
C ARG A 245 -3.47 -8.49 18.11
N MET A 246 -2.23 -8.27 17.69
CA MET A 246 -1.75 -8.81 16.42
C MET A 246 -1.43 -10.26 16.73
N GLU A 247 -1.64 -11.16 15.77
CA GLU A 247 -1.35 -12.56 16.02
C GLU A 247 -0.41 -13.22 15.03
N GLU A 248 0.19 -14.32 15.46
CA GLU A 248 1.12 -15.10 14.67
C GLU A 248 0.52 -15.53 13.34
N GLY A 249 1.31 -15.43 12.27
CA GLY A 249 0.85 -15.82 10.96
C GLY A 249 0.12 -14.72 10.20
N GLU A 250 -0.14 -13.61 10.88
CA GLU A 250 -0.84 -12.48 10.24
C GLU A 250 0.11 -11.63 9.42
N VAL A 251 -0.45 -10.90 8.46
CA VAL A 251 0.34 -10.02 7.61
C VAL A 251 -0.25 -8.62 7.73
N TYR A 252 0.62 -7.63 7.90
CA TYR A 252 0.16 -6.25 8.05
C TYR A 252 0.80 -5.21 7.15
N ALA A 253 0.06 -4.14 6.93
CA ALA A 253 0.54 -3.02 6.15
C ALA A 253 0.72 -1.95 7.23
N ILE A 254 1.95 -1.54 7.45
CA ILE A 254 2.23 -0.52 8.42
C ILE A 254 2.38 0.77 7.62
N GLU A 255 1.39 1.64 7.70
CA GLU A 255 1.42 2.89 6.98
C GLU A 255 1.04 4.05 7.89
N THR A 256 1.69 5.18 7.69
CA THR A 256 1.40 6.36 8.49
C THR A 256 1.29 7.56 7.56
N PHE A 257 0.56 8.56 8.02
CA PHE A 257 0.35 9.77 7.25
C PHE A 257 0.58 10.98 8.14
N GLY A 258 1.38 11.93 7.66
CA GLY A 258 1.66 13.14 8.41
C GLY A 258 1.07 14.29 7.63
N SER A 259 0.54 15.30 8.32
CA SER A 259 -0.05 16.45 7.65
C SER A 259 0.16 17.75 8.39
N THR A 260 0.14 18.85 7.64
CA THR A 260 0.31 20.19 8.18
C THR A 260 -1.07 20.84 8.32
N GLY A 261 -2.10 20.09 7.95
CA GLY A 261 -3.46 20.59 8.03
C GLY A 261 -4.15 20.22 9.33
N LYS A 262 -5.39 19.75 9.22
CA LYS A 262 -6.16 19.35 10.40
C LYS A 262 -5.82 17.95 10.89
N GLY A 263 -5.14 17.17 10.06
CA GLY A 263 -4.81 15.81 10.46
C GLY A 263 -6.06 14.95 10.35
N VAL A 264 -6.92 15.32 9.41
CA VAL A 264 -8.17 14.59 9.15
C VAL A 264 -8.44 14.64 7.64
N VAL A 265 -8.88 13.54 7.07
CA VAL A 265 -9.16 13.54 5.64
C VAL A 265 -10.65 13.35 5.36
N HIS A 266 -11.06 13.82 4.18
CA HIS A 266 -12.45 13.71 3.74
C HIS A 266 -12.47 13.41 2.24
N ASP A 267 -13.57 12.84 1.75
CA ASP A 267 -13.69 12.54 0.33
C ASP A 267 -13.64 13.83 -0.47
N ASP A 268 -12.92 13.82 -1.57
CA ASP A 268 -12.81 15.00 -2.42
C ASP A 268 -12.34 14.61 -3.81
N MET A 269 -12.91 15.27 -4.82
CA MET A 269 -12.59 15.06 -6.24
C MET A 269 -13.29 13.84 -6.83
N GLU A 270 -13.17 13.65 -8.15
CA GLU A 270 -13.79 12.51 -8.83
C GLU A 270 -13.20 11.19 -8.33
N CYS A 271 -14.06 10.20 -8.16
CA CYS A 271 -13.61 8.90 -7.70
C CYS A 271 -12.95 8.13 -8.84
N SER A 272 -11.88 7.41 -8.52
CA SER A 272 -11.14 6.64 -9.51
C SER A 272 -10.96 5.20 -9.04
N HIS A 273 -10.92 5.00 -7.72
CA HIS A 273 -10.73 3.69 -7.12
C HIS A 273 -12.03 2.97 -6.77
N TYR A 274 -12.06 1.68 -7.08
CA TYR A 274 -13.23 0.85 -6.83
C TYR A 274 -12.74 -0.54 -6.46
N MET A 275 -13.53 -1.23 -5.63
CA MET A 275 -13.17 -2.57 -5.21
C MET A 275 -14.41 -3.33 -4.77
N LYS A 276 -14.51 -4.56 -5.23
CA LYS A 276 -15.63 -5.43 -4.91
C LYS A 276 -15.63 -5.77 -3.42
N ASN A 277 -16.78 -5.65 -2.78
CA ASN A 277 -16.90 -5.96 -1.35
C ASN A 277 -16.59 -7.45 -1.20
N PHE A 278 -15.64 -7.76 -0.33
CA PHE A 278 -15.20 -9.14 -0.10
C PHE A 278 -16.27 -10.06 0.47
N ASP A 279 -17.13 -9.52 1.33
CA ASP A 279 -18.18 -10.30 1.97
C ASP A 279 -19.42 -10.56 1.11
N VAL A 280 -19.63 -9.76 0.07
CA VAL A 280 -20.80 -9.98 -0.78
C VAL A 280 -20.58 -11.15 -1.72
N GLY A 281 -21.54 -12.05 -1.77
CA GLY A 281 -21.41 -13.22 -2.64
C GLY A 281 -22.02 -13.01 -4.01
N HIS A 282 -22.19 -14.11 -4.74
CA HIS A 282 -22.78 -14.06 -6.08
C HIS A 282 -24.12 -13.34 -6.08
N VAL A 283 -24.33 -12.50 -7.07
CA VAL A 283 -25.58 -11.76 -7.19
C VAL A 283 -26.07 -11.83 -8.63
N PRO A 284 -27.27 -12.38 -8.85
CA PRO A 284 -27.82 -12.50 -10.21
C PRO A 284 -28.20 -11.13 -10.76
N ILE A 285 -27.72 -10.81 -11.96
CA ILE A 285 -28.05 -9.52 -12.57
C ILE A 285 -28.51 -9.63 -14.01
N ARG A 286 -29.72 -9.11 -14.26
CA ARG A 286 -30.32 -9.14 -15.58
C ARG A 286 -29.96 -7.90 -16.40
N LEU A 287 -29.89 -6.74 -15.76
CA LEU A 287 -29.52 -5.52 -16.48
C LEU A 287 -28.26 -5.83 -17.28
N PRO A 288 -28.38 -5.87 -18.62
CA PRO A 288 -27.30 -6.17 -19.57
C PRO A 288 -25.94 -5.54 -19.26
N ARG A 289 -25.87 -4.21 -19.31
CA ARG A 289 -24.62 -3.52 -19.06
C ARG A 289 -24.05 -3.75 -17.66
N THR A 290 -24.90 -3.77 -16.65
CA THR A 290 -24.43 -3.98 -15.28
C THR A 290 -23.93 -5.42 -15.10
N LYS A 291 -24.58 -6.34 -15.81
CA LYS A 291 -24.21 -7.75 -15.75
C LYS A 291 -22.82 -7.95 -16.35
N HIS A 292 -22.64 -7.43 -17.56
CA HIS A 292 -21.37 -7.55 -18.26
C HIS A 292 -20.22 -6.92 -17.46
N LEU A 293 -20.45 -5.73 -16.92
CA LEU A 293 -19.41 -5.05 -16.16
C LEU A 293 -19.00 -5.85 -14.93
N LEU A 294 -19.98 -6.42 -14.24
CA LEU A 294 -19.69 -7.23 -13.07
C LEU A 294 -18.88 -8.46 -13.45
N ASN A 295 -19.20 -9.05 -14.61
CA ASN A 295 -18.49 -10.22 -15.07
C ASN A 295 -17.04 -9.88 -15.34
N VAL A 296 -16.82 -8.73 -15.98
CA VAL A 296 -15.49 -8.26 -16.30
C VAL A 296 -14.67 -8.07 -15.02
N ILE A 297 -15.30 -7.50 -14.01
CA ILE A 297 -14.60 -7.28 -12.74
C ILE A 297 -14.24 -8.61 -12.09
N ASN A 298 -15.18 -9.55 -12.03
CA ASN A 298 -14.91 -10.85 -11.43
C ASN A 298 -13.77 -11.57 -12.15
N GLU A 299 -13.73 -11.46 -13.47
CA GLU A 299 -12.70 -12.09 -14.29
C GLU A 299 -11.33 -11.45 -14.16
N ASN A 300 -11.29 -10.12 -14.21
CA ASN A 300 -10.03 -9.39 -14.17
C ASN A 300 -9.52 -8.92 -12.82
N PHE A 301 -10.42 -8.70 -11.85
CA PHE A 301 -9.97 -8.19 -10.57
C PHE A 301 -10.36 -8.99 -9.32
N GLY A 302 -11.46 -9.72 -9.39
CA GLY A 302 -11.90 -10.47 -8.22
C GLY A 302 -12.16 -9.46 -7.13
N THR A 303 -11.53 -9.65 -5.96
CA THR A 303 -11.71 -8.74 -4.85
C THR A 303 -10.56 -7.74 -4.75
N LEU A 304 -9.78 -7.63 -5.83
CA LEU A 304 -8.67 -6.68 -5.87
C LEU A 304 -9.20 -5.33 -6.35
N ALA A 305 -8.63 -4.25 -5.82
CA ALA A 305 -9.04 -2.92 -6.22
C ALA A 305 -8.62 -2.64 -7.65
N PHE A 306 -9.35 -1.75 -8.31
CA PHE A 306 -9.05 -1.38 -9.68
C PHE A 306 -9.46 0.07 -9.85
N CYS A 307 -9.20 0.63 -11.03
CA CYS A 307 -9.57 2.01 -11.31
C CYS A 307 -10.20 2.10 -12.70
N ARG A 308 -10.77 3.25 -13.05
CA ARG A 308 -11.40 3.41 -14.36
C ARG A 308 -10.45 3.19 -15.53
N ARG A 309 -9.21 3.64 -15.38
CA ARG A 309 -8.24 3.47 -16.45
C ARG A 309 -8.06 1.99 -16.79
N TRP A 310 -8.12 1.14 -15.76
CA TRP A 310 -7.97 -0.29 -15.99
C TRP A 310 -9.19 -0.88 -16.69
N LEU A 311 -10.32 -0.19 -16.60
CA LEU A 311 -11.51 -0.65 -17.29
C LEU A 311 -11.37 -0.20 -18.74
N ASP A 312 -10.89 1.03 -18.93
CA ASP A 312 -10.72 1.56 -20.28
C ASP A 312 -9.76 0.68 -21.09
N ARG A 313 -8.60 0.37 -20.53
CA ARG A 313 -7.62 -0.44 -21.25
C ARG A 313 -8.15 -1.80 -21.68
N LEU A 314 -9.22 -2.26 -21.04
CA LEU A 314 -9.83 -3.54 -21.38
C LEU A 314 -10.87 -3.36 -22.48
N GLY A 315 -10.94 -2.16 -23.04
CA GLY A 315 -11.89 -1.90 -24.10
C GLY A 315 -13.29 -1.55 -23.64
N GLU A 316 -13.49 -1.43 -22.34
CA GLU A 316 -14.82 -1.09 -21.84
C GLU A 316 -15.15 0.37 -22.10
N SER A 317 -16.39 0.62 -22.52
CA SER A 317 -16.85 1.95 -22.86
C SER A 317 -18.21 2.26 -22.23
N LYS A 318 -18.41 3.53 -21.85
CA LYS A 318 -19.65 3.98 -21.20
C LYS A 318 -20.15 2.94 -20.21
N TYR A 319 -19.43 2.85 -19.09
CA TYR A 319 -19.72 1.88 -18.04
C TYR A 319 -20.04 2.56 -16.71
N LEU A 320 -19.92 3.88 -16.69
CA LEU A 320 -20.15 4.63 -15.46
C LEU A 320 -21.46 4.34 -14.76
N MET A 321 -22.55 4.26 -15.54
CA MET A 321 -23.85 3.98 -14.94
C MET A 321 -23.88 2.57 -14.38
N ALA A 322 -23.30 1.63 -15.11
CA ALA A 322 -23.28 0.25 -14.66
C ALA A 322 -22.44 0.16 -13.39
N LEU A 323 -21.35 0.91 -13.34
CA LEU A 323 -20.49 0.91 -12.17
C LEU A 323 -21.21 1.52 -10.98
N LYS A 324 -22.01 2.54 -11.24
CA LYS A 324 -22.75 3.19 -10.18
C LYS A 324 -23.80 2.22 -9.65
N ASN A 325 -24.43 1.46 -10.55
CA ASN A 325 -25.42 0.49 -10.13
C ASN A 325 -24.78 -0.52 -9.19
N LEU A 326 -23.62 -1.05 -9.60
CA LEU A 326 -22.91 -2.01 -8.77
C LEU A 326 -22.62 -1.42 -7.39
N CYS A 327 -22.24 -0.15 -7.35
CA CYS A 327 -21.96 0.51 -6.07
C CYS A 327 -23.23 0.65 -5.24
N ASP A 328 -24.31 1.06 -5.89
CA ASP A 328 -25.59 1.23 -5.18
C ASP A 328 -26.09 -0.09 -4.64
N LEU A 329 -25.78 -1.17 -5.35
CA LEU A 329 -26.20 -2.51 -4.92
C LEU A 329 -25.28 -3.03 -3.83
N GLY A 330 -24.25 -2.23 -3.49
CA GLY A 330 -23.33 -2.65 -2.46
C GLY A 330 -22.41 -3.78 -2.89
N ILE A 331 -22.38 -4.07 -4.18
CA ILE A 331 -21.54 -5.13 -4.73
C ILE A 331 -20.11 -4.60 -4.86
N VAL A 332 -19.99 -3.35 -5.27
CA VAL A 332 -18.69 -2.70 -5.41
C VAL A 332 -18.67 -1.46 -4.51
N ASP A 333 -17.54 -1.20 -3.86
CA ASP A 333 -17.42 -0.03 -2.99
C ASP A 333 -16.46 0.97 -3.63
N PRO A 334 -16.86 2.25 -3.65
CA PRO A 334 -15.98 3.26 -4.24
C PRO A 334 -15.03 3.78 -3.17
N TYR A 335 -13.82 4.14 -3.58
CA TYR A 335 -12.82 4.68 -2.67
C TYR A 335 -12.30 5.98 -3.25
N PRO A 336 -13.04 7.07 -3.02
CA PRO A 336 -12.63 8.38 -3.54
C PRO A 336 -11.40 8.93 -2.83
N PRO A 337 -10.74 9.93 -3.43
CA PRO A 337 -9.54 10.52 -2.82
C PRO A 337 -9.82 11.07 -1.41
N LEU A 338 -8.85 10.92 -0.53
CA LEU A 338 -8.96 11.38 0.84
C LEU A 338 -8.00 12.57 0.99
N CYS A 339 -8.55 13.75 1.23
CA CYS A 339 -7.73 14.94 1.35
C CYS A 339 -7.95 15.74 2.61
N ASP A 340 -6.90 16.39 3.06
CA ASP A 340 -6.94 17.24 4.23
C ASP A 340 -7.34 18.61 3.68
N ILE A 341 -7.36 19.62 4.54
CA ILE A 341 -7.73 20.97 4.15
C ILE A 341 -6.85 21.56 3.04
N LYS A 342 -7.43 22.46 2.26
CA LYS A 342 -6.74 23.12 1.15
C LYS A 342 -5.48 23.83 1.66
N GLY A 343 -4.38 23.67 0.95
CA GLY A 343 -3.13 24.31 1.35
C GLY A 343 -2.24 23.50 2.28
N SER A 344 -2.76 22.40 2.82
CA SER A 344 -1.95 21.57 3.73
C SER A 344 -1.14 20.54 2.95
N TYR A 345 -0.08 20.04 3.56
CA TYR A 345 0.76 19.03 2.92
C TYR A 345 0.69 17.73 3.71
N THR A 346 0.64 16.62 2.98
CA THR A 346 0.56 15.31 3.61
C THR A 346 1.61 14.38 3.01
N ALA A 347 2.19 13.51 3.85
CA ALA A 347 3.19 12.56 3.40
C ALA A 347 2.83 11.16 3.90
N GLN A 348 3.34 10.14 3.20
CA GLN A 348 3.04 8.75 3.54
C GLN A 348 4.22 7.80 3.30
N PHE A 349 4.30 6.76 4.12
CA PHE A 349 5.32 5.74 4.00
C PHE A 349 4.67 4.45 4.44
N GLU A 350 4.86 3.40 3.67
CA GLU A 350 4.22 2.14 3.99
C GLU A 350 5.01 0.90 3.62
N HIS A 351 4.91 -0.10 4.49
CA HIS A 351 5.57 -1.37 4.28
C HIS A 351 4.61 -2.49 4.68
N THR A 352 4.86 -3.66 4.11
CA THR A 352 4.07 -4.85 4.40
C THR A 352 4.98 -5.73 5.25
N ILE A 353 4.47 -6.21 6.39
CA ILE A 353 5.27 -7.06 7.26
C ILE A 353 4.61 -8.41 7.45
N LEU A 354 5.43 -9.45 7.60
CA LEU A 354 4.96 -10.81 7.80
C LEU A 354 5.23 -11.24 9.24
N LEU A 355 4.17 -11.61 9.96
CA LEU A 355 4.33 -12.05 11.34
C LEU A 355 4.60 -13.55 11.38
N ARG A 356 5.77 -13.94 10.92
CA ARG A 356 6.16 -15.36 10.89
C ARG A 356 6.38 -15.92 12.31
N PRO A 357 6.11 -17.23 12.49
CA PRO A 357 6.28 -17.87 13.80
C PRO A 357 7.70 -17.71 14.34
N THR A 358 8.68 -17.66 13.44
CA THR A 358 10.07 -17.53 13.82
C THR A 358 10.58 -16.10 13.98
N CYS A 359 10.03 -15.16 13.22
CA CYS A 359 10.47 -13.77 13.30
C CYS A 359 9.48 -12.81 12.64
N LYS A 360 9.87 -11.53 12.59
CA LYS A 360 9.06 -10.50 11.95
C LYS A 360 9.83 -10.07 10.71
N GLU A 361 9.23 -10.27 9.55
CA GLU A 361 9.87 -9.91 8.29
C GLU A 361 9.26 -8.69 7.60
N VAL A 362 10.06 -7.66 7.40
CA VAL A 362 9.58 -6.47 6.69
C VAL A 362 9.88 -6.84 5.24
N VAL A 363 9.04 -7.71 4.71
CA VAL A 363 9.20 -8.23 3.35
C VAL A 363 9.42 -7.20 2.24
N SER A 364 8.85 -6.01 2.37
CA SER A 364 9.01 -4.99 1.33
C SER A 364 10.14 -4.00 1.58
N ARG A 365 10.98 -4.25 2.58
CA ARG A 365 12.09 -3.33 2.86
C ARG A 365 13.10 -3.33 1.72
N GLY A 366 13.62 -2.15 1.40
CA GLY A 366 14.62 -2.04 0.35
C GLY A 366 15.80 -1.23 0.85
N ASP A 367 16.80 -1.04 0.01
CA ASP A 367 17.94 -0.26 0.43
C ASP A 367 17.58 1.23 0.30
N ASP A 368 16.35 1.50 -0.11
CA ASP A 368 15.87 2.87 -0.27
C ASP A 368 15.02 3.33 0.93
N TYR A 369 14.19 2.45 1.47
CA TYR A 369 13.36 2.78 2.63
C TYR A 369 12.67 1.52 3.14
MN MN B . -0.85 1.53 0.10
MN MN C . -2.39 0.04 2.89
C1 AO2 D . -7.23 1.72 -2.52
C2 AO2 D . -8.54 0.96 -2.84
C3 AO2 D . -9.10 0.18 -1.64
C4 AO2 D . -8.05 -0.73 -0.98
C5 AO2 D . -6.73 -0.02 -0.64
C6 AO2 D . -6.16 0.86 -1.80
C7 AO2 D . -4.92 1.71 -1.43
C8 AO2 D . -4.02 1.14 -0.32
N9 AO2 D . -2.84 0.92 -1.05
C10 AO2 D . -3.75 2.17 0.92
O11 AO2 D . -2.47 2.02 1.59
C12 AO2 D . -4.95 1.97 1.84
O13 AO2 D . -6.09 2.25 1.54
N14 AO2 D . -4.63 1.41 3.12
N15 AO2 D . -5.58 1.13 4.18
C16 AO2 D . -6.48 1.93 4.88
C17 AO2 D . -7.67 1.43 5.52
C18 AO2 D . -8.54 2.30 6.23
C19 AO2 D . -8.25 3.72 6.30
C20 AO2 D . -7.05 4.22 5.66
C21 AO2 D . -6.18 3.34 4.96
C22 AO2 D . -9.17 4.64 7.05
#